data_5C91
#
_entry.id   5C91
#
_cell.length_a   175.200
_cell.length_b   38.730
_cell.length_c   60.360
_cell.angle_alpha   90.000
_cell.angle_beta   93.130
_cell.angle_gamma   90.000
#
_symmetry.space_group_name_H-M   'C 1 2 1'
#
loop_
_entity.id
_entity.type
_entity.pdbx_description
1 polymer 'E3 ubiquitin-protein ligase NEDD4'
2 non-polymer 'methyl (2E)-4-{[(5-methoxy-1,2-dimethyl-1H-indol-3-yl)carbonyl]amino}but-2-enoate'
3 water water
#
_entity_poly.entity_id   1
_entity_poly.type   'polypeptide(L)'
_entity_poly.pdbx_seq_one_letter_code
;SRDYKRKYEFFRRKLKKQNDIPNKFEMKLRRATVLEDSYRRIMGVKRADFLKARLWIEFDGEKGLDYGGVAREWFFLISK
EMFNPYYGLFEYSATDNYTLQINPNSGLCNEDHLSYFKFIGRVAGMAVYHGKLLDGFFIRPFYKMMLHKPITLHDMESVD
SEYYNSLRWILENDPTELDLRFIIDEELFGQTHQHELKNGGSEIVVTNKNKKEYIYLVIQWRFVNRIQKQMAAFKEGFFE
LIPQDLIKIFDENELELLMCGLGDVDVNDWREHTKYKNGYSANHQVIQWFWKAVLMMDSEKRIRLLQFVTGTSRVPMNGF
AELYGSNGPQSFTVEQWGTPEKLPRAHTCFNRLDLPPYESFEELWDKLQMAIENT
;
_entity_poly.pdbx_strand_id   A
#
loop_
_chem_comp.id
_chem_comp.type
_chem_comp.name
_chem_comp.formula
4YU non-polymer 'methyl (2E)-4-{[(5-methoxy-1,2-dimethyl-1H-indol-3-yl)carbonyl]amino}but-2-enoate' 'C17 H20 N2 O4'
#
# COMPACT_ATOMS: atom_id res chain seq x y z
N SER A 1 20.43 -13.96 9.63
CA SER A 1 19.75 -12.64 9.82
C SER A 1 18.40 -12.81 10.51
N ARG A 2 17.83 -11.67 10.91
CA ARG A 2 16.54 -11.65 11.58
C ARG A 2 15.40 -11.71 10.58
N ASP A 3 14.28 -12.28 11.01
CA ASP A 3 13.06 -12.26 10.22
C ASP A 3 12.34 -10.92 10.45
N TYR A 4 11.23 -10.69 9.75
CA TYR A 4 10.53 -9.41 9.82
C TYR A 4 10.25 -8.96 11.26
N LYS A 5 9.80 -9.88 12.10
CA LYS A 5 9.37 -9.57 13.47
C LYS A 5 10.53 -9.05 14.30
N ARG A 6 11.64 -9.78 14.28
CA ARG A 6 12.88 -9.37 14.96
C ARG A 6 13.43 -8.09 14.35
N LYS A 7 13.45 -8.03 13.02
CA LYS A 7 13.80 -6.81 12.29
C LYS A 7 13.02 -5.60 12.81
N TYR A 8 11.71 -5.75 12.96
CA TYR A 8 10.87 -4.62 13.39
C TYR A 8 11.24 -4.19 14.81
N GLU A 9 11.37 -5.15 15.71
CA GLU A 9 11.71 -4.87 17.10
C GLU A 9 13.11 -4.25 17.22
N PHE A 10 14.03 -4.73 16.40
CA PHE A 10 15.36 -4.13 16.30
C PHE A 10 15.25 -2.68 15.84
N PHE A 11 14.50 -2.46 14.76
CA PHE A 11 14.24 -1.11 14.24
C PHE A 11 13.67 -0.17 15.31
N ARG A 12 12.70 -0.65 16.08
CA ARG A 12 12.07 0.13 17.16
C ARG A 12 13.05 0.48 18.28
N ARG A 13 13.93 -0.45 18.63
CA ARG A 13 14.97 -0.17 19.61
C ARG A 13 15.91 0.95 19.15
N LYS A 14 16.24 0.95 17.87
CA LYS A 14 17.16 1.96 17.33
C LYS A 14 16.51 3.33 17.16
N LEU A 15 15.20 3.36 16.97
CA LEU A 15 14.48 4.61 16.78
C LEU A 15 14.30 5.31 18.13
N LYS A 16 15.27 6.17 18.46
CA LYS A 16 15.33 6.78 19.78
C LYS A 16 14.28 7.87 19.95
N LYS A 17 13.79 7.98 21.19
CA LYS A 17 12.80 8.97 21.56
C LYS A 17 13.41 10.38 21.53
N GLN A 18 12.58 11.38 21.27
CA GLN A 18 13.04 12.78 21.25
C GLN A 18 12.89 13.47 22.59
N ASN A 19 14.02 13.88 23.16
CA ASN A 19 14.02 14.62 24.42
C ASN A 19 13.68 16.09 24.22
N ASP A 20 14.47 16.78 23.39
CA ASP A 20 14.35 18.25 23.23
C ASP A 20 13.12 18.70 22.42
N ILE A 21 11.95 18.17 22.80
CA ILE A 21 10.72 18.39 22.05
C ILE A 21 9.55 18.53 23.03
N PRO A 22 8.61 19.46 22.75
CA PRO A 22 7.38 19.57 23.53
C PRO A 22 6.70 18.22 23.69
N ASN A 23 6.10 17.96 24.85
CA ASN A 23 5.61 16.61 25.15
C ASN A 23 4.42 16.16 24.28
N LYS A 24 3.85 17.06 23.50
CA LYS A 24 2.78 16.72 22.55
C LYS A 24 2.80 17.63 21.31
N PHE A 25 2.16 17.15 20.24
CA PHE A 25 2.00 17.94 19.02
C PHE A 25 0.52 18.26 18.78
N GLU A 26 0.13 19.51 19.03
CA GLU A 26 -1.26 19.93 18.86
C GLU A 26 -1.56 20.35 17.44
N MET A 27 -2.62 19.78 16.87
CA MET A 27 -3.16 20.27 15.60
C MET A 27 -4.69 20.12 15.60
N LYS A 28 -5.36 21.19 15.17
CA LYS A 28 -6.82 21.22 15.11
C LYS A 28 -7.21 21.42 13.66
N LEU A 29 -8.03 20.51 13.15
CA LEU A 29 -8.39 20.49 11.75
C LEU A 29 -9.89 20.44 11.60
N ARG A 30 -10.34 20.58 10.35
CA ARG A 30 -11.74 20.44 10.00
C ARG A 30 -11.87 19.37 8.93
N ARG A 31 -12.74 18.41 9.18
CA ARG A 31 -12.93 17.27 8.27
C ARG A 31 -13.04 17.69 6.81
N ALA A 32 -13.83 18.72 6.55
CA ALA A 32 -14.12 19.18 5.19
C ALA A 32 -12.89 19.76 4.49
N THR A 33 -11.90 20.21 5.28
CA THR A 33 -10.64 20.71 4.76
C THR A 33 -9.46 20.02 5.47
N VAL A 34 -9.53 18.71 5.54
CA VAL A 34 -8.53 17.91 6.26
C VAL A 34 -7.16 17.93 5.56
N LEU A 35 -7.13 18.14 4.26
CA LEU A 35 -5.88 18.19 3.51
C LEU A 35 -5.18 19.54 3.68
N GLU A 36 -5.93 20.62 3.48
CA GLU A 36 -5.38 21.97 3.58
C GLU A 36 -4.90 22.30 5.00
N ASP A 37 -5.68 21.88 5.99
CA ASP A 37 -5.36 22.13 7.40
C ASP A 37 -4.20 21.26 7.90
N SER A 38 -4.16 20.01 7.46
CA SER A 38 -3.07 19.12 7.84
C SER A 38 -1.76 19.60 7.22
N TYR A 39 -1.82 19.93 5.94
CA TYR A 39 -0.67 20.47 5.22
C TYR A 39 -0.12 21.71 5.91
N ARG A 40 -0.97 22.71 6.14
CA ARG A 40 -0.55 23.98 6.74
C ARG A 40 0.18 23.81 8.07
N ARG A 41 -0.32 22.90 8.91
CA ARG A 41 0.26 22.74 10.24
C ARG A 41 1.57 21.95 10.13
N ILE A 42 1.50 20.77 9.53
CA ILE A 42 2.65 19.88 9.43
C ILE A 42 3.81 20.48 8.63
N MET A 43 3.52 21.32 7.65
CA MET A 43 4.58 22.00 6.90
C MET A 43 4.99 23.33 7.55
N GLY A 44 4.28 23.74 8.60
CA GLY A 44 4.56 24.99 9.29
C GLY A 44 5.36 24.86 10.57
N VAL A 45 5.44 23.65 11.13
CA VAL A 45 6.20 23.43 12.38
C VAL A 45 7.61 24.00 12.32
N LYS A 46 8.11 24.46 13.47
CA LYS A 46 9.45 25.03 13.56
C LYS A 46 10.45 23.97 13.11
N ARG A 47 10.32 22.78 13.70
CA ARG A 47 11.21 21.65 13.42
C ARG A 47 10.36 20.42 13.13
N ALA A 48 10.86 19.57 12.24
CA ALA A 48 10.20 18.30 11.94
C ALA A 48 10.10 17.42 13.18
N ASP A 49 11.08 17.51 14.08
CA ASP A 49 11.07 16.75 15.34
C ASP A 49 9.83 17.02 16.20
N PHE A 50 9.16 18.15 16.02
CA PHE A 50 7.91 18.42 16.74
C PHE A 50 6.84 17.38 16.40
N LEU A 51 6.95 16.81 15.21
CA LEU A 51 6.02 15.76 14.75
C LEU A 51 6.22 14.43 15.46
N LYS A 52 7.40 14.24 16.05
CA LYS A 52 7.69 13.04 16.83
C LYS A 52 7.00 13.00 18.20
N ALA A 53 6.49 14.15 18.66
CA ALA A 53 5.73 14.23 19.92
C ALA A 53 4.43 13.45 19.81
N ARG A 54 3.82 13.16 20.94
CA ARG A 54 2.58 12.38 20.93
C ARG A 54 1.47 13.23 20.32
N LEU A 55 0.67 12.57 19.47
CA LEU A 55 -0.26 13.28 18.59
C LEU A 55 -1.54 13.65 19.31
N TRP A 56 -1.72 14.96 19.52
CA TRP A 56 -2.91 15.53 20.13
C TRP A 56 -3.76 16.24 19.07
N ILE A 57 -4.58 15.46 18.36
CA ILE A 57 -5.41 15.96 17.24
C ILE A 57 -6.86 16.21 17.64
N GLU A 58 -7.46 17.24 17.05
CA GLU A 58 -8.84 17.64 17.36
C GLU A 58 -9.61 18.05 16.09
N PHE A 59 -10.65 17.28 15.75
CA PHE A 59 -11.48 17.58 14.58
C PHE A 59 -12.67 18.49 14.94
N ASP A 60 -12.79 19.60 14.20
CA ASP A 60 -13.97 20.48 14.21
C ASP A 60 -14.37 21.11 15.56
N GLY A 61 -13.44 21.19 16.49
CA GLY A 61 -13.76 21.66 17.83
C GLY A 61 -14.52 20.65 18.68
N GLU A 62 -14.47 19.38 18.29
CA GLU A 62 -15.03 18.28 19.08
C GLU A 62 -14.05 17.94 20.19
N LYS A 63 -14.37 18.35 21.42
N LYS A 63 -14.38 18.35 21.41
CA LYS A 63 -13.40 18.24 22.51
CA LYS A 63 -13.43 18.23 22.52
C LYS A 63 -13.63 16.98 23.36
C LYS A 63 -13.63 16.95 23.34
N GLY A 64 -12.52 16.33 23.73
CA GLY A 64 -12.53 15.23 24.69
C GLY A 64 -12.71 13.84 24.10
N LEU A 65 -11.69 13.35 23.40
CA LEU A 65 -11.68 11.99 22.84
C LEU A 65 -10.34 11.31 23.12
N ASP A 66 -10.28 9.99 22.90
CA ASP A 66 -9.04 9.24 23.02
C ASP A 66 -8.14 9.56 21.82
N TYR A 67 -7.02 10.24 22.09
CA TYR A 67 -6.12 10.71 21.05
C TYR A 67 -5.41 9.60 20.28
N GLY A 68 -5.28 8.42 20.88
CA GLY A 68 -4.76 7.25 20.18
C GLY A 68 -5.68 6.79 19.06
N GLY A 69 -6.98 7.03 19.24
CA GLY A 69 -8.00 6.68 18.24
C GLY A 69 -8.31 7.79 17.25
N VAL A 70 -8.27 9.04 17.73
CA VAL A 70 -8.48 10.21 16.88
C VAL A 70 -7.34 10.32 15.86
N ALA A 71 -6.12 10.05 16.33
CA ALA A 71 -4.96 10.05 15.45
C ALA A 71 -5.05 8.92 14.42
N ARG A 72 -5.48 7.74 14.85
CA ARG A 72 -5.62 6.63 13.91
C ARG A 72 -6.63 7.01 12.84
N GLU A 73 -7.72 7.67 13.25
CA GLU A 73 -8.73 8.21 12.32
C GLU A 73 -8.15 9.25 11.36
N TRP A 74 -7.27 10.11 11.88
CA TRP A 74 -6.61 11.11 11.04
C TRP A 74 -5.75 10.47 9.95
N PHE A 75 -4.93 9.50 10.35
CA PHE A 75 -4.09 8.75 9.39
C PHE A 75 -4.94 8.12 8.28
N PHE A 76 -6.11 7.62 8.65
CA PHE A 76 -7.07 7.11 7.67
C PHE A 76 -7.63 8.22 6.77
N LEU A 77 -8.04 9.34 7.36
CA LEU A 77 -8.66 10.42 6.59
C LEU A 77 -7.66 11.16 5.71
N ILE A 78 -6.45 11.39 6.23
CA ILE A 78 -5.46 12.13 5.47
C ILE A 78 -4.93 11.30 4.32
N SER A 79 -4.86 9.98 4.52
CA SER A 79 -4.44 9.06 3.46
C SER A 79 -5.41 9.08 2.28
N LYS A 80 -6.69 8.89 2.57
CA LYS A 80 -7.76 8.99 1.56
C LYS A 80 -7.62 10.23 0.68
N GLU A 81 -7.33 11.37 1.29
CA GLU A 81 -7.19 12.62 0.55
C GLU A 81 -5.90 12.70 -0.25
N MET A 82 -4.77 12.48 0.41
CA MET A 82 -3.46 12.53 -0.24
C MET A 82 -3.41 11.68 -1.48
N PHE A 83 -3.94 10.47 -1.36
CA PHE A 83 -3.84 9.45 -2.40
C PHE A 83 -5.00 9.40 -3.37
N ASN A 84 -5.91 10.38 -3.30
CA ASN A 84 -7.02 10.44 -4.24
C ASN A 84 -6.51 11.00 -5.56
N PRO A 85 -6.64 10.22 -6.66
CA PRO A 85 -6.20 10.71 -7.98
C PRO A 85 -6.80 12.04 -8.39
N TYR A 86 -7.98 12.39 -7.88
CA TYR A 86 -8.54 13.71 -8.14
C TYR A 86 -7.53 14.84 -7.98
N TYR A 87 -6.65 14.76 -6.99
CA TYR A 87 -5.71 15.86 -6.69
C TYR A 87 -4.50 15.89 -7.63
N GLY A 88 -4.11 14.75 -8.18
CA GLY A 88 -3.04 14.71 -9.17
C GLY A 88 -1.62 14.56 -8.62
N LEU A 89 -1.50 14.23 -7.34
CA LEU A 89 -0.19 13.87 -6.77
C LEU A 89 0.14 12.42 -7.12
N PHE A 90 -0.80 11.53 -6.81
CA PHE A 90 -0.72 10.11 -7.11
C PHE A 90 -1.83 9.68 -8.07
N GLU A 91 -1.55 8.64 -8.83
CA GLU A 91 -2.48 8.04 -9.77
C GLU A 91 -2.31 6.53 -9.75
N TYR A 92 -3.39 5.82 -10.09
CA TYR A 92 -3.34 4.36 -10.27
C TYR A 92 -2.30 3.98 -11.32
N SER A 93 -1.52 2.93 -11.03
CA SER A 93 -0.46 2.50 -11.93
C SER A 93 -1.00 2.05 -13.30
N ALA A 94 -2.18 1.42 -13.29
CA ALA A 94 -2.83 1.01 -14.52
C ALA A 94 -4.33 0.97 -14.34
N THR A 95 -5.04 0.86 -15.45
CA THR A 95 -6.50 0.81 -15.43
C THR A 95 -7.00 -0.42 -14.65
N ASP A 96 -6.22 -1.50 -14.66
CA ASP A 96 -6.62 -2.76 -14.02
C ASP A 96 -6.01 -3.01 -12.64
N ASN A 97 -5.21 -2.07 -12.14
CA ASN A 97 -4.56 -2.24 -10.83
C ASN A 97 -5.08 -1.26 -9.79
N TYR A 98 -4.93 -1.66 -8.53
CA TYR A 98 -5.35 -0.86 -7.38
C TYR A 98 -4.17 -0.11 -6.77
N THR A 99 -2.97 -0.36 -7.31
CA THR A 99 -1.72 0.20 -6.78
C THR A 99 -1.48 1.60 -7.30
N LEU A 100 -0.72 2.37 -6.52
CA LEU A 100 -0.50 3.78 -6.80
C LEU A 100 0.95 4.09 -7.18
N GLN A 101 1.10 5.07 -8.05
CA GLN A 101 2.41 5.60 -8.42
C GLN A 101 2.28 7.12 -8.43
N ILE A 102 3.41 7.81 -8.49
CA ILE A 102 3.42 9.25 -8.59
C ILE A 102 2.94 9.66 -9.97
N ASN A 103 2.05 10.65 -10.03
CA ASN A 103 1.65 11.25 -11.30
C ASN A 103 2.76 12.19 -11.77
N PRO A 104 3.31 11.95 -12.97
CA PRO A 104 4.38 12.82 -13.46
C PRO A 104 3.92 14.21 -13.92
N ASN A 105 2.61 14.38 -14.09
CA ASN A 105 2.03 15.69 -14.44
C ASN A 105 1.51 16.43 -13.20
N SER A 106 2.00 16.04 -12.03
CA SER A 106 1.62 16.67 -10.76
C SER A 106 1.80 18.18 -10.78
N GLY A 107 2.84 18.67 -11.45
CA GLY A 107 3.14 20.09 -11.51
C GLY A 107 2.14 20.96 -12.24
N LEU A 108 1.31 20.35 -13.09
CA LEU A 108 0.29 21.07 -13.87
C LEU A 108 -0.91 21.50 -13.03
N CYS A 109 -1.32 20.69 -12.06
CA CYS A 109 -2.34 21.13 -11.08
C CYS A 109 -1.80 22.28 -10.26
N ASN A 110 -0.62 22.05 -9.70
CA ASN A 110 -0.05 22.90 -8.68
C ASN A 110 1.43 23.06 -8.93
N GLU A 111 1.84 24.29 -9.26
CA GLU A 111 3.25 24.59 -9.41
C GLU A 111 4.01 24.21 -8.14
N ASP A 112 3.35 24.38 -7.00
CA ASP A 112 3.93 24.08 -5.69
C ASP A 112 3.81 22.59 -5.28
N HIS A 113 3.54 21.71 -6.25
CA HIS A 113 3.34 20.29 -5.98
C HIS A 113 4.42 19.63 -5.14
N LEU A 114 5.68 20.03 -5.33
CA LEU A 114 6.79 19.37 -4.63
C LEU A 114 6.69 19.48 -3.11
N SER A 115 6.28 20.63 -2.59
CA SER A 115 6.11 20.81 -1.14
C SER A 115 4.99 19.93 -0.60
N TYR A 116 3.99 19.63 -1.43
CA TYR A 116 2.96 18.65 -1.08
C TYR A 116 3.48 17.20 -1.03
N PHE A 117 4.50 16.87 -1.82
CA PHE A 117 5.15 15.55 -1.71
C PHE A 117 5.95 15.41 -0.44
N LYS A 118 6.58 16.50 -0.01
CA LYS A 118 7.29 16.50 1.27
C LYS A 118 6.30 16.26 2.40
N PHE A 119 5.17 16.96 2.36
CA PHE A 119 4.10 16.74 3.33
C PHE A 119 3.71 15.26 3.39
N ILE A 120 3.35 14.68 2.25
CA ILE A 120 3.00 13.27 2.22
C ILE A 120 4.11 12.41 2.80
N GLY A 121 5.36 12.76 2.49
CA GLY A 121 6.52 12.08 3.08
C GLY A 121 6.55 12.14 4.60
N ARG A 122 6.36 13.34 5.16
CA ARG A 122 6.32 13.51 6.60
C ARG A 122 5.22 12.66 7.25
N VAL A 123 4.01 12.69 6.68
CA VAL A 123 2.90 11.92 7.22
C VAL A 123 3.17 10.42 7.19
N ALA A 124 3.78 9.95 6.10
CA ALA A 124 4.23 8.57 6.02
C ALA A 124 5.23 8.25 7.13
N GLY A 125 6.22 9.12 7.30
CA GLY A 125 7.19 8.99 8.39
C GLY A 125 6.52 8.99 9.75
N MET A 126 5.53 9.86 9.92
CA MET A 126 4.74 9.90 11.16
C MET A 126 3.99 8.59 11.43
N ALA A 127 3.37 8.02 10.39
CA ALA A 127 2.74 6.71 10.50
C ALA A 127 3.72 5.67 11.04
N VAL A 128 4.89 5.57 10.41
CA VAL A 128 5.92 4.61 10.85
C VAL A 128 6.43 4.93 12.26
N TYR A 129 6.63 6.21 12.56
CA TYR A 129 7.20 6.62 13.85
C TYR A 129 6.31 6.27 15.04
N HIS A 130 5.00 6.46 14.87
CA HIS A 130 4.03 6.20 15.94
C HIS A 130 3.35 4.83 15.85
N GLY A 131 3.69 4.05 14.83
CA GLY A 131 3.15 2.69 14.69
C GLY A 131 1.71 2.65 14.20
N LYS A 132 1.43 3.41 13.15
CA LYS A 132 0.12 3.41 12.52
C LYS A 132 0.32 3.20 11.04
N LEU A 133 -0.71 2.76 10.34
CA LEU A 133 -0.57 2.43 8.93
C LEU A 133 -1.21 3.47 8.04
N LEU A 134 -0.57 3.75 6.92
CA LEU A 134 -1.19 4.49 5.84
C LEU A 134 -2.22 3.61 5.18
N ASP A 135 -3.23 4.24 4.58
CA ASP A 135 -4.23 3.49 3.82
C ASP A 135 -3.97 3.74 2.35
N GLY A 136 -3.28 2.79 1.73
CA GLY A 136 -2.90 2.90 0.34
C GLY A 136 -1.71 2.01 0.06
N PHE A 137 -1.72 1.36 -1.10
CA PHE A 137 -0.62 0.51 -1.54
C PHE A 137 0.08 1.20 -2.70
N PHE A 138 1.41 1.16 -2.71
CA PHE A 138 2.19 1.71 -3.80
C PHE A 138 2.74 0.60 -4.68
N ILE A 139 3.19 0.99 -5.88
CA ILE A 139 3.88 0.05 -6.73
C ILE A 139 5.23 -0.31 -6.09
N ARG A 140 5.70 -1.51 -6.38
CA ARG A 140 6.95 -2.01 -5.80
C ARG A 140 8.12 -1.03 -6.01
N PRO A 141 8.23 -0.42 -7.21
CA PRO A 141 9.31 0.55 -7.46
C PRO A 141 9.29 1.80 -6.56
N PHE A 142 8.13 2.11 -5.98
CA PHE A 142 8.05 3.18 -5.00
C PHE A 142 8.84 2.78 -3.76
N TYR A 143 8.68 1.54 -3.33
CA TYR A 143 9.33 1.06 -2.11
C TYR A 143 10.83 0.88 -2.28
N LYS A 144 11.24 0.48 -3.49
CA LYS A 144 12.65 0.34 -3.83
C LYS A 144 13.34 1.68 -3.93
N MET A 145 12.67 2.66 -4.51
CA MET A 145 13.23 4.02 -4.58
C MET A 145 13.51 4.57 -3.19
N MET A 146 12.65 4.25 -2.22
CA MET A 146 12.84 4.67 -0.82
C MET A 146 14.07 4.04 -0.20
N LEU A 147 14.30 2.77 -0.51
CA LEU A 147 15.44 2.02 0.01
C LEU A 147 16.69 2.19 -0.85
N HIS A 148 16.61 3.04 -1.86
CA HIS A 148 17.68 3.19 -2.83
C HIS A 148 18.09 1.83 -3.42
N LYS A 149 17.11 1.00 -3.74
CA LYS A 149 17.33 -0.27 -4.41
C LYS A 149 17.09 -0.10 -5.91
N PRO A 150 17.82 -0.87 -6.73
CA PRO A 150 17.65 -0.71 -8.17
C PRO A 150 16.31 -1.24 -8.62
N ILE A 151 15.68 -0.54 -9.57
CA ILE A 151 14.43 -0.99 -10.17
C ILE A 151 14.80 -1.99 -11.24
N THR A 152 14.19 -3.17 -11.22
CA THR A 152 14.52 -4.23 -12.16
C THR A 152 13.36 -4.52 -13.11
N LEU A 153 13.65 -5.31 -14.13
CA LEU A 153 12.65 -5.80 -15.06
C LEU A 153 11.59 -6.64 -14.35
N HIS A 154 12.02 -7.40 -13.34
CA HIS A 154 11.11 -8.19 -12.51
C HIS A 154 10.00 -7.34 -11.88
N ASP A 155 10.32 -6.09 -11.57
CA ASP A 155 9.36 -5.13 -11.02
C ASP A 155 8.31 -4.66 -12.02
N MET A 156 8.60 -4.82 -13.30
CA MET A 156 7.66 -4.51 -14.38
C MET A 156 6.51 -5.51 -14.46
N GLU A 157 6.77 -6.76 -14.08
CA GLU A 157 5.76 -7.82 -14.12
C GLU A 157 4.56 -7.52 -13.24
N SER A 158 4.82 -7.04 -12.02
CA SER A 158 3.76 -6.75 -11.06
C SER A 158 2.86 -5.60 -11.51
N VAL A 159 3.40 -4.69 -12.32
CA VAL A 159 2.66 -3.52 -12.78
C VAL A 159 2.02 -3.74 -14.14
N ASP A 160 2.84 -3.95 -15.17
CA ASP A 160 2.37 -4.05 -16.56
C ASP A 160 2.96 -5.30 -17.21
N SER A 161 2.17 -6.38 -17.23
CA SER A 161 2.64 -7.69 -17.64
C SER A 161 2.92 -7.84 -19.14
N GLU A 162 2.14 -7.14 -19.97
CA GLU A 162 2.35 -7.21 -21.42
C GLU A 162 3.67 -6.55 -21.81
N TYR A 163 3.98 -5.45 -21.12
CA TYR A 163 5.19 -4.69 -21.38
C TYR A 163 6.43 -5.43 -20.85
N TYR A 164 6.24 -6.13 -19.74
CA TYR A 164 7.28 -6.96 -19.17
C TYR A 164 7.66 -8.11 -20.09
N ASN A 165 6.67 -8.67 -20.81
CA ASN A 165 6.89 -9.79 -21.71
C ASN A 165 7.59 -9.40 -23.01
N SER A 166 7.38 -8.16 -23.46
CA SER A 166 8.08 -7.65 -24.62
C SER A 166 9.55 -7.40 -24.30
N LEU A 167 9.81 -6.90 -23.10
CA LEU A 167 11.17 -6.63 -22.66
C LEU A 167 11.89 -7.91 -22.28
N ARG A 168 11.16 -8.87 -21.71
CA ARG A 168 11.76 -10.17 -21.44
C ARG A 168 12.10 -10.88 -22.73
N TRP A 169 11.24 -10.75 -23.74
CA TRP A 169 11.52 -11.33 -25.05
C TRP A 169 12.83 -10.77 -25.59
N ILE A 170 12.93 -9.45 -25.57
CA ILE A 170 14.13 -8.75 -26.03
C ILE A 170 15.34 -9.27 -25.26
N LEU A 171 15.20 -9.44 -23.95
CA LEU A 171 16.30 -9.92 -23.12
C LEU A 171 16.76 -11.31 -23.54
N GLU A 172 15.80 -12.21 -23.78
CA GLU A 172 16.10 -13.61 -24.01
C GLU A 172 16.41 -13.94 -25.48
N ASN A 173 16.07 -13.04 -26.40
CA ASN A 173 16.33 -13.23 -27.83
C ASN A 173 17.17 -12.10 -28.41
N ASP A 174 17.67 -12.28 -29.62
CA ASP A 174 18.38 -11.23 -30.34
C ASP A 174 17.32 -10.35 -31.01
N PRO A 175 17.26 -9.06 -30.65
CA PRO A 175 16.25 -8.17 -31.19
C PRO A 175 16.69 -7.45 -32.47
N THR A 176 17.95 -7.62 -32.86
CA THR A 176 18.54 -6.85 -33.96
C THR A 176 17.63 -6.71 -35.18
N GLU A 177 17.02 -7.81 -35.61
CA GLU A 177 16.22 -7.83 -36.83
C GLU A 177 14.85 -7.14 -36.71
N LEU A 178 14.39 -6.90 -35.48
CA LEU A 178 13.20 -6.10 -35.25
C LEU A 178 13.45 -4.63 -35.60
N ASP A 179 14.71 -4.23 -35.67
CA ASP A 179 15.07 -2.86 -36.02
C ASP A 179 14.48 -1.85 -35.01
N LEU A 180 14.45 -2.23 -33.75
CA LEU A 180 13.99 -1.32 -32.69
C LEU A 180 14.99 -0.19 -32.49
N ARG A 181 14.48 0.98 -32.10
CA ARG A 181 15.31 2.14 -31.83
C ARG A 181 15.25 2.51 -30.34
N PHE A 182 16.22 3.32 -29.91
CA PHE A 182 16.29 3.81 -28.53
C PHE A 182 15.26 4.93 -28.32
N ILE A 183 14.00 4.56 -28.39
CA ILE A 183 12.89 5.49 -28.19
C ILE A 183 11.80 4.74 -27.43
N ILE A 184 10.84 5.46 -26.88
CA ILE A 184 9.63 4.86 -26.31
C ILE A 184 8.40 5.53 -26.88
N ASP A 185 7.53 4.71 -27.47
CA ASP A 185 6.20 5.14 -27.91
C ASP A 185 5.26 5.03 -26.72
N GLU A 186 4.54 6.11 -26.43
CA GLU A 186 3.53 6.11 -25.39
C GLU A 186 2.18 6.49 -25.98
N GLU A 187 1.13 5.86 -25.48
CA GLU A 187 -0.23 6.14 -25.93
C GLU A 187 -0.92 7.04 -24.93
N LEU A 188 -1.25 8.26 -25.37
CA LEU A 188 -1.96 9.22 -24.52
C LEU A 188 -3.01 9.96 -25.32
N PHE A 189 -4.23 9.99 -24.79
CA PHE A 189 -5.38 10.64 -25.44
C PHE A 189 -5.50 10.21 -26.89
N GLY A 190 -5.39 8.90 -27.11
CA GLY A 190 -5.49 8.34 -28.45
C GLY A 190 -4.49 8.88 -29.46
N GLN A 191 -3.31 9.28 -28.97
CA GLN A 191 -2.24 9.79 -29.81
C GLN A 191 -0.94 9.07 -29.44
N THR A 192 0.02 9.06 -30.36
CA THR A 192 1.32 8.44 -30.11
C THR A 192 2.34 9.49 -29.69
N HIS A 193 3.12 9.16 -28.66
CA HIS A 193 4.13 10.09 -28.12
C HIS A 193 5.48 9.40 -28.03
N GLN A 194 6.41 9.85 -28.87
CA GLN A 194 7.70 9.21 -28.97
C GLN A 194 8.74 10.03 -28.24
N HIS A 195 9.46 9.41 -27.31
N HIS A 195 9.47 9.42 -27.30
CA HIS A 195 10.48 10.08 -26.48
CA HIS A 195 10.49 10.10 -26.51
C HIS A 195 11.86 9.44 -26.68
C HIS A 195 11.86 9.45 -26.69
N GLU A 196 12.89 10.27 -26.86
CA GLU A 196 14.28 9.79 -26.92
C GLU A 196 14.67 9.10 -25.60
N LEU A 197 15.17 7.87 -25.67
CA LEU A 197 15.79 7.24 -24.51
C LEU A 197 17.17 7.84 -24.26
N LYS A 198 17.81 8.28 -25.34
CA LYS A 198 19.09 8.99 -25.23
C LYS A 198 19.32 9.85 -26.46
N ASN A 199 20.36 10.67 -26.41
CA ASN A 199 20.66 11.60 -27.50
C ASN A 199 20.75 10.90 -28.86
N GLY A 200 19.99 11.38 -29.84
CA GLY A 200 19.91 10.76 -31.16
C GLY A 200 19.41 9.32 -31.12
N GLY A 201 18.48 9.06 -30.20
CA GLY A 201 18.04 7.69 -29.90
C GLY A 201 17.26 7.03 -31.04
N SER A 202 16.53 7.84 -31.79
CA SER A 202 15.75 7.33 -32.91
C SER A 202 16.64 6.68 -33.97
N GLU A 203 17.92 7.10 -34.05
CA GLU A 203 18.84 6.59 -35.07
C GLU A 203 19.78 5.46 -34.59
N ILE A 204 19.62 5.02 -33.34
CA ILE A 204 20.44 3.96 -32.74
C ILE A 204 19.65 2.65 -32.64
N VAL A 205 20.20 1.57 -33.19
CA VAL A 205 19.46 0.30 -33.31
C VAL A 205 19.72 -0.56 -32.09
N VAL A 206 18.67 -1.16 -31.54
CA VAL A 206 18.81 -2.07 -30.40
C VAL A 206 19.43 -3.39 -30.85
N THR A 207 20.55 -3.79 -30.25
CA THR A 207 21.17 -5.11 -30.49
C THR A 207 21.56 -5.78 -29.18
N ASN A 208 22.03 -7.02 -29.26
CA ASN A 208 22.52 -7.75 -28.09
C ASN A 208 23.62 -7.03 -27.30
N LYS A 209 24.33 -6.12 -27.95
CA LYS A 209 25.43 -5.39 -27.33
C LYS A 209 24.98 -4.20 -26.47
N ASN A 210 23.87 -3.58 -26.85
CA ASN A 210 23.36 -2.41 -26.12
C ASN A 210 21.98 -2.60 -25.48
N LYS A 211 21.45 -3.82 -25.53
CA LYS A 211 20.07 -4.06 -25.05
C LYS A 211 19.90 -4.00 -23.53
N LYS A 212 20.95 -4.33 -22.77
CA LYS A 212 20.89 -4.21 -21.31
C LYS A 212 20.74 -2.74 -20.92
N GLU A 213 21.40 -1.87 -21.67
CA GLU A 213 21.24 -0.44 -21.56
C GLU A 213 19.79 -0.08 -21.93
N TYR A 214 19.32 -0.61 -23.05
CA TYR A 214 17.97 -0.35 -23.54
C TYR A 214 16.93 -0.62 -22.48
N ILE A 215 16.93 -1.84 -21.95
CA ILE A 215 15.97 -2.23 -20.91
C ILE A 215 16.06 -1.30 -19.69
N TYR A 216 17.28 -0.91 -19.32
CA TYR A 216 17.49 -0.05 -18.18
C TYR A 216 16.84 1.32 -18.40
N LEU A 217 17.07 1.91 -19.58
CA LEU A 217 16.53 3.23 -19.88
C LEU A 217 15.02 3.21 -19.98
N VAL A 218 14.46 2.10 -20.44
CA VAL A 218 13.02 1.93 -20.50
C VAL A 218 12.46 1.94 -19.09
N ILE A 219 12.96 1.03 -18.27
CA ILE A 219 12.54 0.96 -16.86
C ILE A 219 12.64 2.32 -16.16
N GLN A 220 13.73 3.05 -16.40
CA GLN A 220 13.89 4.39 -15.85
C GLN A 220 12.79 5.35 -16.33
N TRP A 221 12.50 5.35 -17.64
CA TRP A 221 11.47 6.21 -18.19
C TRP A 221 10.10 5.88 -17.58
N ARG A 222 9.81 4.60 -17.46
CA ARG A 222 8.53 4.17 -16.89
C ARG A 222 8.37 4.54 -15.40
N PHE A 223 9.43 4.38 -14.60
CA PHE A 223 9.30 4.48 -13.14
C PHE A 223 10.05 5.60 -12.42
N VAL A 224 10.91 6.36 -13.09
CA VAL A 224 11.88 7.25 -12.40
C VAL A 224 12.02 8.64 -13.02
N ASN A 225 12.42 8.69 -14.29
CA ASN A 225 12.79 9.95 -14.97
C ASN A 225 11.82 11.12 -14.78
N ARG A 226 10.53 10.89 -15.01
CA ARG A 226 9.55 11.97 -14.93
C ARG A 226 9.10 12.31 -13.49
N ILE A 227 9.56 11.54 -12.50
CA ILE A 227 9.08 11.65 -11.12
C ILE A 227 10.21 11.87 -10.08
N GLN A 228 11.38 12.32 -10.52
CA GLN A 228 12.54 12.40 -9.64
C GLN A 228 12.42 13.44 -8.53
N LYS A 229 11.91 14.61 -8.88
CA LYS A 229 11.75 15.68 -7.91
C LYS A 229 10.66 15.34 -6.89
N GLN A 230 9.58 14.74 -7.36
CA GLN A 230 8.47 14.37 -6.49
C GLN A 230 8.94 13.38 -5.46
N MET A 231 9.51 12.26 -5.90
CA MET A 231 10.03 11.23 -4.99
C MET A 231 11.07 11.82 -4.04
N ALA A 232 11.93 12.69 -4.56
CA ALA A 232 12.98 13.32 -3.77
C ALA A 232 12.42 14.26 -2.70
N ALA A 233 11.23 14.82 -2.97
CA ALA A 233 10.55 15.64 -1.96
C ALA A 233 9.87 14.74 -0.93
N PHE A 234 9.26 13.66 -1.41
CA PHE A 234 8.65 12.67 -0.52
C PHE A 234 9.68 12.02 0.42
N LYS A 235 10.88 11.74 -0.09
CA LYS A 235 11.91 11.12 0.74
C LYS A 235 12.48 12.09 1.78
N GLU A 236 12.72 13.32 1.37
CA GLU A 236 13.16 14.35 2.30
C GLU A 236 12.22 14.41 3.52
N GLY A 237 10.91 14.49 3.27
CA GLY A 237 9.92 14.50 4.35
C GLY A 237 9.94 13.22 5.15
N PHE A 238 9.85 12.09 4.46
CA PHE A 238 9.91 10.80 5.13
C PHE A 238 11.17 10.66 6.01
N PHE A 239 12.32 11.08 5.50
CA PHE A 239 13.56 10.93 6.26
C PHE A 239 13.75 11.97 7.36
N GLU A 240 12.95 13.04 7.35
CA GLU A 240 12.92 13.98 8.49
C GLU A 240 12.36 13.33 9.76
N LEU A 241 11.58 12.26 9.60
CA LEU A 241 11.10 11.48 10.73
C LEU A 241 11.80 10.13 10.96
N ILE A 242 12.15 9.43 9.90
CA ILE A 242 12.83 8.15 10.01
C ILE A 242 14.19 8.25 9.34
N PRO A 243 15.28 8.08 10.12
CA PRO A 243 16.61 8.11 9.51
C PRO A 243 16.75 7.04 8.45
N GLN A 244 17.20 7.42 7.26
CA GLN A 244 17.28 6.45 6.17
C GLN A 244 18.28 5.32 6.43
N ASP A 245 19.18 5.51 7.38
CA ASP A 245 20.04 4.42 7.88
C ASP A 245 19.17 3.31 8.44
N LEU A 246 18.17 3.71 9.23
CA LEU A 246 17.32 2.77 9.95
C LEU A 246 16.36 2.01 9.03
N ILE A 247 15.91 2.63 7.96
CA ILE A 247 14.91 1.99 7.12
C ILE A 247 15.49 0.88 6.22
N LYS A 248 16.78 0.99 5.92
CA LYS A 248 17.49 0.02 5.06
C LYS A 248 17.52 -1.40 5.63
N ILE A 249 17.22 -1.56 6.92
CA ILE A 249 17.11 -2.90 7.49
C ILE A 249 16.05 -3.74 6.76
N PHE A 250 14.98 -3.09 6.31
CA PHE A 250 13.87 -3.78 5.65
C PHE A 250 14.08 -3.82 4.15
N ASP A 251 13.57 -4.86 3.51
CA ASP A 251 13.46 -4.89 2.06
C ASP A 251 12.08 -4.35 1.65
N GLU A 252 11.81 -4.31 0.34
CA GLU A 252 10.61 -3.68 -0.20
C GLU A 252 9.30 -4.32 0.22
N ASN A 253 9.29 -5.63 0.44
CA ASN A 253 8.09 -6.31 0.94
C ASN A 253 7.83 -5.91 2.38
N GLU A 254 8.87 -6.03 3.20
CA GLU A 254 8.81 -5.71 4.62
C GLU A 254 8.48 -4.24 4.86
N LEU A 255 8.99 -3.36 4.00
CA LEU A 255 8.69 -1.94 4.09
C LEU A 255 7.20 -1.65 3.80
N GLU A 256 6.66 -2.25 2.75
CA GLU A 256 5.24 -2.09 2.43
C GLU A 256 4.40 -2.54 3.61
N LEU A 257 4.77 -3.68 4.17
CA LEU A 257 4.08 -4.26 5.30
C LEU A 257 4.13 -3.30 6.48
N LEU A 258 5.31 -2.75 6.72
CA LEU A 258 5.54 -1.79 7.80
C LEU A 258 4.65 -0.55 7.65
N MET A 259 4.70 0.07 6.48
CA MET A 259 3.99 1.33 6.26
C MET A 259 2.49 1.17 6.11
N CYS A 260 2.09 0.17 5.32
CA CYS A 260 0.72 0.06 4.82
C CYS A 260 0.01 -1.24 5.20
N GLY A 261 0.77 -2.30 5.48
CA GLY A 261 0.21 -3.59 5.85
C GLY A 261 -0.29 -4.36 4.64
N LEU A 262 0.64 -4.95 3.89
CA LEU A 262 0.29 -5.78 2.72
C LEU A 262 -0.57 -6.97 3.15
N GLY A 263 -1.34 -7.57 2.22
CA GLY A 263 -1.37 -7.23 0.80
C GLY A 263 -0.94 -8.41 -0.06
N ASP A 264 -0.40 -9.45 0.57
CA ASP A 264 -0.02 -10.69 -0.11
C ASP A 264 -0.34 -11.87 0.80
N VAL A 265 -1.54 -12.44 0.65
CA VAL A 265 -2.06 -13.46 1.55
C VAL A 265 -2.23 -14.82 0.84
N ASP A 266 -1.54 -15.84 1.35
CA ASP A 266 -1.69 -17.20 0.83
C ASP A 266 -3.05 -17.75 1.27
N VAL A 267 -3.97 -17.90 0.33
CA VAL A 267 -5.32 -18.41 0.62
C VAL A 267 -5.34 -19.91 0.90
N ASN A 268 -4.30 -20.63 0.48
CA ASN A 268 -4.20 -22.07 0.74
C ASN A 268 -3.89 -22.33 2.20
N ASP A 269 -2.92 -21.57 2.70
CA ASP A 269 -2.54 -21.58 4.11
C ASP A 269 -3.73 -21.17 4.97
N TRP A 270 -4.52 -20.22 4.47
CA TRP A 270 -5.75 -19.79 5.13
C TRP A 270 -6.72 -20.96 5.26
N ARG A 271 -6.99 -21.63 4.13
CA ARG A 271 -7.99 -22.70 4.06
C ARG A 271 -7.68 -23.93 4.92
N GLU A 272 -6.42 -24.33 4.98
CA GLU A 272 -6.05 -25.58 5.64
C GLU A 272 -5.92 -25.47 7.16
N HIS A 273 -5.99 -24.26 7.70
CA HIS A 273 -6.02 -24.04 9.14
C HIS A 273 -7.28 -23.31 9.55
N THR A 274 -8.42 -23.82 9.09
CA THR A 274 -9.73 -23.25 9.39
C THR A 274 -10.61 -24.34 10.02
N LYS A 275 -11.40 -23.94 11.02
CA LYS A 275 -12.37 -24.84 11.66
C LYS A 275 -13.79 -24.55 11.18
N TYR A 276 -14.68 -25.52 11.36
CA TYR A 276 -16.08 -25.43 10.93
C TYR A 276 -16.99 -25.94 12.04
N LYS A 277 -17.99 -25.14 12.39
CA LYS A 277 -18.89 -25.50 13.48
C LYS A 277 -20.37 -25.28 13.14
N ASN A 278 -21.23 -25.77 14.02
CA ASN A 278 -22.68 -25.55 13.97
C ASN A 278 -23.34 -26.12 12.71
N GLY A 279 -22.78 -27.21 12.20
CA GLY A 279 -23.31 -27.87 11.02
C GLY A 279 -22.39 -27.82 9.82
N TYR A 280 -21.64 -26.72 9.67
CA TYR A 280 -20.71 -26.58 8.55
C TYR A 280 -19.59 -27.62 8.64
N SER A 281 -18.84 -27.73 7.55
CA SER A 281 -17.80 -28.73 7.44
C SER A 281 -16.82 -28.33 6.35
N ALA A 282 -15.75 -29.10 6.21
CA ALA A 282 -14.70 -28.81 5.25
C ALA A 282 -15.23 -28.73 3.82
N ASN A 283 -16.18 -29.60 3.47
CA ASN A 283 -16.69 -29.71 2.10
C ASN A 283 -18.15 -29.27 1.90
N HIS A 284 -18.77 -28.69 2.92
CA HIS A 284 -20.14 -28.16 2.80
C HIS A 284 -20.19 -27.25 1.57
N GLN A 285 -21.35 -27.20 0.90
CA GLN A 285 -21.49 -26.40 -0.33
C GLN A 285 -21.24 -24.91 -0.08
N VAL A 286 -21.86 -24.36 0.96
CA VAL A 286 -21.67 -22.95 1.31
C VAL A 286 -20.19 -22.61 1.52
N ILE A 287 -19.45 -23.52 2.15
CA ILE A 287 -18.02 -23.33 2.41
C ILE A 287 -17.20 -23.38 1.10
N GLN A 288 -17.57 -24.27 0.19
CA GLN A 288 -16.94 -24.29 -1.13
C GLN A 288 -17.07 -22.93 -1.79
N TRP A 289 -18.29 -22.41 -1.81
CA TRP A 289 -18.57 -21.08 -2.37
C TRP A 289 -17.78 -19.98 -1.64
N PHE A 290 -17.66 -20.09 -0.32
CA PHE A 290 -16.88 -19.13 0.46
C PHE A 290 -15.43 -19.11 0.00
N TRP A 291 -14.83 -20.29 -0.14
CA TRP A 291 -13.44 -20.36 -0.57
C TRP A 291 -13.24 -19.96 -2.04
N LYS A 292 -14.26 -20.14 -2.85
CA LYS A 292 -14.26 -19.63 -4.23
C LYS A 292 -14.26 -18.10 -4.21
N ALA A 293 -15.19 -17.54 -3.45
CA ALA A 293 -15.32 -16.08 -3.33
C ALA A 293 -14.00 -15.45 -2.92
N VAL A 294 -13.40 -15.96 -1.84
CA VAL A 294 -12.13 -15.42 -1.35
C VAL A 294 -11.07 -15.50 -2.44
N LEU A 295 -10.96 -16.65 -3.10
CA LEU A 295 -10.00 -16.85 -4.18
C LEU A 295 -10.07 -15.73 -5.22
N MET A 296 -11.27 -15.33 -5.62
CA MET A 296 -11.41 -14.33 -6.68
C MET A 296 -11.30 -12.87 -6.22
N MET A 297 -11.29 -12.62 -4.90
CA MET A 297 -11.21 -11.25 -4.38
C MET A 297 -9.84 -10.61 -4.61
N ASP A 298 -9.82 -9.28 -4.67
CA ASP A 298 -8.56 -8.53 -4.73
C ASP A 298 -7.78 -8.74 -3.45
N SER A 299 -6.46 -8.75 -3.56
CA SER A 299 -5.57 -8.90 -2.40
C SER A 299 -5.80 -7.79 -1.37
N GLU A 300 -6.32 -6.66 -1.86
CA GLU A 300 -6.81 -5.58 -1.01
C GLU A 300 -8.09 -6.00 -0.28
N LYS A 301 -9.02 -6.62 -1.01
CA LYS A 301 -10.32 -7.03 -0.45
C LYS A 301 -10.23 -8.26 0.47
N ARG A 302 -9.29 -9.16 0.18
CA ARG A 302 -9.00 -10.30 1.06
C ARG A 302 -8.54 -9.83 2.44
N ILE A 303 -7.68 -8.83 2.46
CA ILE A 303 -7.22 -8.23 3.69
C ILE A 303 -8.35 -7.53 4.45
N ARG A 304 -9.18 -6.78 3.73
CA ARG A 304 -10.30 -6.09 4.37
C ARG A 304 -11.31 -7.07 4.96
N LEU A 305 -11.38 -8.29 4.41
CA LEU A 305 -12.16 -9.38 5.01
C LEU A 305 -11.47 -9.92 6.26
N LEU A 306 -10.15 -10.03 6.20
CA LEU A 306 -9.36 -10.49 7.34
C LEU A 306 -9.39 -9.49 8.49
N GLN A 307 -9.28 -8.19 8.17
CA GLN A 307 -9.45 -7.13 9.15
C GLN A 307 -10.76 -7.28 9.91
N PHE A 308 -11.83 -7.48 9.14
CA PHE A 308 -13.19 -7.57 9.67
C PHE A 308 -13.38 -8.75 10.64
N VAL A 309 -12.80 -9.89 10.30
CA VAL A 309 -12.98 -11.11 11.08
C VAL A 309 -11.97 -11.21 12.23
N THR A 310 -10.75 -10.71 12.01
CA THR A 310 -9.69 -10.77 13.01
C THR A 310 -9.75 -9.60 13.99
N GLY A 311 -9.73 -8.38 13.45
CA GLY A 311 -9.68 -7.16 14.25
C GLY A 311 -8.94 -6.08 13.49
N THR A 312 -7.71 -6.39 13.10
CA THR A 312 -6.93 -5.56 12.18
C THR A 312 -6.12 -6.46 11.25
N SER A 313 -5.54 -5.86 10.21
CA SER A 313 -4.80 -6.61 9.20
C SER A 313 -3.36 -6.82 9.65
N ARG A 314 -2.96 -8.09 9.74
CA ARG A 314 -1.61 -8.48 10.16
C ARG A 314 -1.62 -9.99 10.37
N VAL A 315 -1.51 -10.73 9.27
CA VAL A 315 -1.45 -12.18 9.32
C VAL A 315 -0.29 -12.60 10.21
N PRO A 316 -0.53 -13.51 11.18
CA PRO A 316 0.50 -13.90 12.15
C PRO A 316 1.73 -14.56 11.52
N MET A 317 2.82 -14.57 12.27
CA MET A 317 4.10 -15.11 11.83
C MET A 317 4.04 -16.64 11.82
N ASN A 318 4.54 -17.24 10.74
CA ASN A 318 4.46 -18.70 10.47
C ASN A 318 3.15 -19.14 9.79
N GLY A 319 2.32 -18.18 9.38
CA GLY A 319 1.07 -18.49 8.67
C GLY A 319 -0.13 -18.64 9.58
N PHE A 320 -1.21 -19.19 9.02
CA PHE A 320 -2.51 -19.26 9.70
C PHE A 320 -2.64 -20.40 10.72
N ALA A 321 -1.59 -21.20 10.87
CA ALA A 321 -1.56 -22.24 11.90
C ALA A 321 -1.39 -21.66 13.31
N GLU A 322 -0.87 -20.43 13.39
CA GLU A 322 -0.66 -19.75 14.67
C GLU A 322 -1.40 -18.43 14.71
N LEU A 323 -2.72 -18.48 14.56
CA LEU A 323 -3.54 -17.28 14.71
C LEU A 323 -3.99 -17.19 16.16
N TYR A 324 -3.98 -15.98 16.71
CA TYR A 324 -4.38 -15.76 18.10
C TYR A 324 -5.65 -14.92 18.19
N GLY A 325 -6.53 -15.30 19.11
CA GLY A 325 -7.73 -14.54 19.43
C GLY A 325 -7.47 -13.69 20.64
N SER A 326 -8.54 -13.35 21.37
CA SER A 326 -8.43 -12.53 22.56
C SER A 326 -7.76 -13.33 23.69
N ASN A 327 -8.42 -14.37 24.18
CA ASN A 327 -7.88 -15.21 25.26
C ASN A 327 -7.17 -16.45 24.72
N GLY A 328 -5.88 -16.32 24.45
CA GLY A 328 -5.08 -17.45 23.97
C GLY A 328 -5.20 -17.68 22.47
N PRO A 329 -4.67 -18.83 21.99
CA PRO A 329 -4.73 -19.22 20.57
C PRO A 329 -6.14 -19.35 20.02
N GLN A 330 -6.30 -19.09 18.73
CA GLN A 330 -7.62 -19.12 18.09
C GLN A 330 -7.50 -19.21 16.56
N SER A 331 -7.79 -20.40 16.04
CA SER A 331 -7.76 -20.64 14.60
C SER A 331 -8.96 -20.01 13.92
N PHE A 332 -8.74 -19.47 12.73
CA PHE A 332 -9.81 -18.91 11.91
C PHE A 332 -10.90 -19.95 11.71
N THR A 333 -12.15 -19.56 11.93
CA THR A 333 -13.25 -20.52 11.94
C THR A 333 -14.53 -19.90 11.34
N VAL A 334 -15.43 -20.77 10.87
CA VAL A 334 -16.70 -20.34 10.26
C VAL A 334 -17.87 -21.08 10.90
N GLU A 335 -18.86 -20.33 11.37
CA GLU A 335 -20.03 -20.89 12.04
C GLU A 335 -21.30 -20.60 11.24
N GLN A 336 -22.16 -21.62 11.12
CA GLN A 336 -23.46 -21.49 10.48
C GLN A 336 -24.45 -20.78 11.40
N TRP A 337 -24.46 -19.45 11.34
CA TRP A 337 -25.34 -18.62 12.17
C TRP A 337 -26.38 -17.92 11.33
N GLY A 338 -27.56 -17.68 11.93
CA GLY A 338 -28.58 -16.83 11.33
C GLY A 338 -29.22 -17.36 10.07
N THR A 339 -29.90 -16.46 9.36
CA THR A 339 -30.71 -16.81 8.20
C THR A 339 -30.29 -15.91 7.02
N PRO A 340 -30.40 -16.44 5.77
CA PRO A 340 -30.00 -15.78 4.53
C PRO A 340 -30.32 -14.28 4.37
N GLU A 341 -31.40 -13.79 4.96
CA GLU A 341 -31.71 -12.36 4.85
C GLU A 341 -30.65 -11.47 5.51
N LYS A 342 -30.12 -11.90 6.65
CA LYS A 342 -29.10 -11.13 7.36
C LYS A 342 -27.70 -11.35 6.82
N LEU A 343 -26.87 -10.31 6.93
CA LEU A 343 -25.48 -10.34 6.50
C LEU A 343 -24.65 -11.19 7.49
N PRO A 344 -23.38 -11.46 7.16
CA PRO A 344 -22.49 -12.11 8.12
C PRO A 344 -21.94 -11.13 9.17
N ARG A 345 -21.75 -11.63 10.40
CA ARG A 345 -21.20 -10.84 11.50
C ARG A 345 -19.89 -11.46 11.96
N ALA A 346 -19.04 -10.66 12.61
CA ALA A 346 -17.71 -11.12 13.00
C ALA A 346 -17.44 -10.92 14.50
N HIS A 347 -16.90 -11.96 15.13
CA HIS A 347 -16.41 -11.87 16.50
C HIS A 347 -14.88 -11.78 16.46
N THR A 348 -14.36 -10.56 16.55
CA THR A 348 -12.91 -10.33 16.46
C THR A 348 -12.12 -10.97 17.62
N CYS A 349 -12.74 -11.05 18.80
CA CYS A 349 -12.10 -11.65 19.97
C CYS A 349 -12.06 -13.19 19.92
N PHE A 350 -12.76 -13.80 18.96
CA PHE A 350 -12.67 -15.24 18.72
C PHE A 350 -12.29 -15.58 17.27
N ASN A 351 -11.84 -14.58 16.51
CA ASN A 351 -11.52 -14.75 15.08
C ASN A 351 -12.44 -15.72 14.34
N ARG A 352 -13.72 -15.37 14.28
CA ARG A 352 -14.77 -16.28 13.79
C ARG A 352 -15.79 -15.57 12.91
N LEU A 353 -16.13 -16.19 11.78
CA LEU A 353 -17.11 -15.64 10.84
C LEU A 353 -18.44 -16.37 10.97
N ASP A 354 -19.43 -15.67 11.53
CA ASP A 354 -20.78 -16.19 11.57
C ASP A 354 -21.38 -16.02 10.20
N LEU A 355 -21.54 -17.14 9.47
CA LEU A 355 -21.92 -17.13 8.06
C LEU A 355 -23.22 -17.88 7.80
N PRO A 356 -24.27 -17.15 7.36
CA PRO A 356 -25.53 -17.84 7.01
C PRO A 356 -25.38 -18.86 5.87
N PRO A 357 -26.27 -19.85 5.82
CA PRO A 357 -26.25 -20.85 4.74
C PRO A 357 -26.95 -20.34 3.48
N TYR A 358 -26.23 -19.58 2.66
CA TYR A 358 -26.81 -18.96 1.47
C TYR A 358 -27.10 -19.99 0.38
N GLU A 359 -28.09 -19.69 -0.46
CA GLU A 359 -28.56 -20.63 -1.49
C GLU A 359 -27.78 -20.52 -2.82
N SER A 360 -27.15 -19.38 -3.07
CA SER A 360 -26.37 -19.16 -4.30
C SER A 360 -25.00 -18.57 -3.99
N PHE A 361 -24.07 -18.76 -4.93
CA PHE A 361 -22.72 -18.20 -4.82
C PHE A 361 -22.73 -16.68 -4.92
N GLU A 362 -23.53 -16.15 -5.84
CA GLU A 362 -23.62 -14.71 -6.06
C GLU A 362 -24.32 -14.00 -4.91
N GLU A 363 -25.27 -14.67 -4.26
CA GLU A 363 -25.88 -14.12 -3.04
C GLU A 363 -24.81 -14.02 -1.94
N LEU A 364 -24.01 -15.07 -1.78
CA LEU A 364 -22.92 -15.08 -0.80
C LEU A 364 -21.94 -13.93 -1.07
N TRP A 365 -21.61 -13.72 -2.33
CA TRP A 365 -20.72 -12.62 -2.73
C TRP A 365 -21.32 -11.23 -2.43
N ASP A 366 -22.62 -11.08 -2.69
CA ASP A 366 -23.31 -9.81 -2.45
C ASP A 366 -23.30 -9.44 -0.98
N LYS A 367 -23.67 -10.38 -0.13
CA LYS A 367 -23.85 -10.12 1.30
C LYS A 367 -22.50 -10.02 2.02
N LEU A 368 -21.56 -10.87 1.63
CA LEU A 368 -20.25 -10.89 2.25
C LEU A 368 -19.49 -9.56 2.07
N GLN A 369 -19.50 -9.03 0.84
CA GLN A 369 -18.75 -7.79 0.55
C GLN A 369 -19.47 -6.50 0.99
N MET A 370 -20.75 -6.61 1.32
CA MET A 370 -21.50 -5.50 1.88
C MET A 370 -21.10 -5.32 3.35
N ALA A 371 -20.99 -6.44 4.06
CA ALA A 371 -20.62 -6.44 5.47
C ALA A 371 -19.15 -6.10 5.71
N ILE A 372 -18.33 -6.18 4.66
CA ILE A 372 -16.94 -5.76 4.72
C ILE A 372 -16.80 -4.26 4.52
N GLU A 373 -17.71 -3.65 3.75
CA GLU A 373 -17.70 -2.20 3.55
C GLU A 373 -18.07 -1.49 4.86
N ASN A 374 -17.03 -1.28 5.67
CA ASN A 374 -17.14 -0.48 6.90
C ASN A 374 -15.77 0.07 7.32
N THR A 375 -14.79 -0.81 7.48
CA THR A 375 -13.41 -0.40 7.77
C THR A 375 -12.77 0.19 6.52
O3 4YU B . -0.91 19.36 -6.03
C4 4YU B . -6.14 18.92 -9.84
C5 4YU B . -6.19 20.16 -7.71
C6 4YU B . -5.76 20.41 -6.29
N1 4YU B . -5.85 20.92 -4.10
C7 4YU B . -6.65 20.85 -5.18
C8 4YU B . -8.11 21.17 -5.27
C9 4YU B . -6.31 21.35 -2.75
C10 4YU B . -4.58 20.56 -4.41
C11 4YU B . -3.43 20.48 -3.64
C12 4YU B . -2.22 20.07 -4.20
C13 4YU B . -2.14 19.74 -5.55
C14 4YU B . -0.70 18.70 -7.29
C15 4YU B . -3.29 19.83 -6.34
O1 4YU B . -5.31 15.94 -11.93
C1 4YU B . -4.89 16.99 -12.40
O 4YU B . -3.65 16.98 -13.20
C 4YU B . -2.50 16.24 -12.80
C2 4YU B . -5.65 18.29 -12.23
C3 4YU B . -5.18 19.12 -11.01
N 4YU B . -5.69 19.18 -8.48
O2 4YU B . -7.07 20.91 -8.14
C16 4YU B . -4.49 20.23 -5.77
#